data_4WTM
#
_entry.id   4WTM
#
_cell.length_a   140.370
_cell.length_b   140.370
_cell.length_c   92.430
_cell.angle_alpha   90.000
_cell.angle_beta   90.000
_cell.angle_gamma   120.000
#
_symmetry.space_group_name_H-M   'P 65'
#
loop_
_entity.id
_entity.type
_entity.pdbx_description
1 polymer 'RNA TEMPLATE UAGG'
2 polymer 'RNA PRIMER CC'
3 polymer 'RNA-directed RNA polymerase'
4 non-polymer 'MANGANESE (II) ION'
5 non-polymer 'CHLORIDE ION'
6 non-polymer "URIDINE-5'-DIPHOSPHATE"
7 water water
#
loop_
_entity_poly.entity_id
_entity_poly.type
_entity_poly.pdbx_seq_one_letter_code
_entity_poly.pdbx_strand_id
1 'polyribonucleotide' UAGG T
2 'polyribonucleotide' CC P
3 'polypeptide(L)'
;MSSMSYSWTGALITPCGPEEEKLPINPLSNSLLRYHNKVYCTTSKSASQRAKKVTFDRTQVLDAHYDSVLKDIKLAASKV
SARLLTLQQACQLTPPHSARSKYGFGAKEVRSLSGRAVNHIKSVWKDLLEDPQTPIPTTIMAKNEVFCVDPAKGGKKPAR
LIVYPDLGVRVCEKMALYDITQKLPQAVMGASYGFQYSPAQRVEYLLKAWAEKKDPMGFSYDTRHFDSTVTERDIRTEES
IYQACSLPEEARTAIHSLTERLYVGGPMFNSKGQTCGYRRCRASGVLTTSMGNTITCYVKALAACKAAGIVAPTMLVCGD
DLIVISESQGTEEDERNLRAFTEAMTRYSAPPGDPPRPEYDLELITSCSSNVSVALGPRGRRRYYLTRDPTTPLARAAWE
TVRHSPINSWLGNIIQYAPTIWVRMVLMTHFFSILMVQDTLDQNLNFEMYGSVYSVNPLDLPAIIERLHGLDAFSMHTYS
HHELTRVASALRKLGAPPLRVWKSRARAVRASLISRGGKAAVCGRYLFNWAVKTKLKLTPLPEARLLDLSSWFTVGAGGG
DIFHSVSRARPRLEHHHHHH
;
A
#
loop_
_chem_comp.id
_chem_comp.type
_chem_comp.name
_chem_comp.formula
A RNA linking ADENOSINE-5'-MONOPHOSPHATE 'C10 H14 N5 O7 P'
C RNA linking CYTIDINE-5'-MONOPHOSPHATE 'C9 H14 N3 O8 P'
CL non-polymer 'CHLORIDE ION' 'Cl -1'
G RNA linking GUANOSINE-5'-MONOPHOSPHATE 'C10 H14 N5 O8 P'
MN non-polymer 'MANGANESE (II) ION' 'Mn 2'
U RNA linking URIDINE-5'-MONOPHOSPHATE 'C9 H13 N2 O9 P'
UDP RNA linking URIDINE-5'-DIPHOSPHATE 'C9 H14 N2 O12 P2'
#
# COMPACT_ATOMS: atom_id res chain seq x y z
N SER C 2 8.28 29.61 -1.69
CA SER C 2 7.37 29.96 -0.56
C SER C 2 7.75 29.24 0.76
N SER C 3 7.31 27.99 0.94
CA SER C 3 7.50 27.30 2.22
C SER C 3 8.43 26.11 2.17
N MET C 4 9.27 26.01 3.18
CA MET C 4 10.06 24.81 3.41
C MET C 4 9.16 23.69 3.96
N SER C 5 9.42 22.47 3.49
CA SER C 5 8.66 21.32 3.94
C SER C 5 8.91 21.13 5.43
N TYR C 6 10.16 21.24 5.84
CA TYR C 6 10.57 21.08 7.22
C TYR C 6 11.69 22.05 7.59
N SER C 7 11.85 22.31 8.89
CA SER C 7 13.07 22.87 9.48
C SER C 7 13.53 21.97 10.61
N TRP C 8 14.83 21.93 10.88
CA TRP C 8 15.40 20.99 11.87
C TRP C 8 16.22 21.71 12.91
N THR C 9 16.28 21.17 14.12
CA THR C 9 17.04 21.75 15.21
C THR C 9 18.45 21.14 15.32
N GLY C 10 18.65 20.01 14.66
CA GLY C 10 19.90 19.27 14.79
C GLY C 10 19.78 18.07 15.70
N ALA C 11 18.70 17.98 16.48
CA ALA C 11 18.43 16.80 17.31
C ALA C 11 18.22 15.58 16.41
N LEU C 12 18.70 14.43 16.83
CA LEU C 12 18.59 13.23 16.02
C LEU C 12 17.15 12.71 16.00
N ILE C 13 16.86 11.93 14.96
CA ILE C 13 15.67 11.11 14.90
C ILE C 13 16.06 9.78 15.51
N THR C 14 15.65 9.59 16.77
CA THR C 14 16.06 8.44 17.57
C THR C 14 15.09 7.27 17.48
N PRO C 15 15.61 6.05 17.72
CA PRO C 15 14.77 4.84 17.69
C PRO C 15 13.80 4.73 18.86
N CYS C 16 12.80 3.85 18.77
CA CYS C 16 11.93 3.61 19.93
C CYS C 16 12.54 2.54 20.82
N GLY C 17 12.52 1.29 20.37
CA GLY C 17 13.14 0.21 21.10
C GLY C 17 14.55 0.03 20.57
N PRO C 18 15.06 -1.21 20.66
CA PRO C 18 16.30 -1.55 20.00
C PRO C 18 15.96 -2.01 18.59
N GLU C 19 16.89 -1.85 17.65
CA GLU C 19 16.64 -2.22 16.26
C GLU C 19 17.18 -3.62 15.98
N GLU C 20 16.24 -4.55 15.78
CA GLU C 20 16.50 -5.99 15.83
C GLU C 20 17.58 -6.41 14.86
N GLU C 21 18.50 -7.22 15.37
CA GLU C 21 19.66 -7.68 14.62
C GLU C 21 19.33 -8.97 13.86
N LYS C 22 19.91 -9.12 12.68
CA LYS C 22 19.89 -10.40 11.97
C LYS C 22 20.76 -11.41 12.73
N LEU C 23 20.47 -12.70 12.61
CA LEU C 23 21.20 -13.72 13.36
C LEU C 23 22.12 -14.46 12.41
N PRO C 24 23.11 -15.18 12.95
CA PRO C 24 24.02 -15.94 12.09
C PRO C 24 23.40 -17.11 11.35
N ILE C 25 22.26 -17.61 11.83
CA ILE C 25 21.51 -18.63 11.11
C ILE C 25 20.08 -18.18 11.00
N ASN C 26 19.50 -18.40 9.81
CA ASN C 26 18.13 -18.05 9.48
C ASN C 26 17.40 -19.35 9.11
N PRO C 27 16.97 -20.11 10.14
CA PRO C 27 16.56 -21.51 9.94
C PRO C 27 15.34 -21.70 9.06
N LEU C 28 14.48 -20.70 9.01
CA LEU C 28 13.28 -20.77 8.17
C LEU C 28 13.51 -20.35 6.72
N SER C 29 14.54 -19.56 6.45
CA SER C 29 14.72 -19.04 5.08
C SER C 29 16.05 -19.41 4.45
N ASN C 30 16.89 -20.16 5.16
CA ASN C 30 18.17 -20.50 4.56
C ASN C 30 18.08 -21.60 3.54
N SER C 31 16.89 -22.18 3.37
CA SER C 31 16.68 -23.06 2.23
C SER C 31 15.87 -22.35 1.13
N LEU C 32 15.40 -21.14 1.37
CA LEU C 32 14.76 -20.36 0.30
C LEU C 32 15.83 -19.61 -0.55
N LEU C 33 16.75 -18.93 0.12
CA LEU C 33 17.82 -18.24 -0.56
C LEU C 33 19.08 -18.17 0.27
N ARG C 34 20.19 -17.87 -0.41
CA ARG C 34 21.51 -17.87 0.21
C ARG C 34 22.10 -16.48 0.54
N TYR C 35 21.70 -15.45 -0.21
CA TYR C 35 22.30 -14.12 -0.02
C TYR C 35 21.66 -13.27 1.04
N HIS C 36 21.80 -13.73 2.28
CA HIS C 36 21.20 -13.09 3.41
C HIS C 36 21.87 -11.77 3.69
N ASN C 37 23.10 -11.63 3.23
CA ASN C 37 23.84 -10.38 3.36
C ASN C 37 23.12 -9.24 2.64
N LYS C 38 22.35 -9.55 1.62
CA LYS C 38 21.71 -8.51 0.83
C LYS C 38 20.42 -8.01 1.43
N VAL C 39 19.94 -8.65 2.51
CA VAL C 39 18.63 -8.35 3.04
C VAL C 39 18.83 -7.47 4.25
N TYR C 40 18.24 -6.28 4.23
CA TYR C 40 18.47 -5.33 5.31
C TYR C 40 17.17 -4.65 5.69
N CYS C 41 17.16 -4.12 6.91
CA CYS C 41 16.05 -3.34 7.41
C CYS C 41 16.48 -1.87 7.59
N THR C 42 15.66 -0.95 7.14
CA THR C 42 15.99 0.48 7.27
C THR C 42 16.02 0.89 8.75
N THR C 43 17.01 1.68 9.13
CA THR C 43 17.24 2.06 10.52
C THR C 43 16.99 3.54 10.76
N SER C 44 16.86 3.87 12.04
CA SER C 44 16.71 5.24 12.49
C SER C 44 17.92 6.11 12.14
N LYS C 45 19.15 5.59 12.26
CA LYS C 45 20.35 6.34 11.85
C LYS C 45 20.15 6.92 10.46
N SER C 46 19.80 6.08 9.49
CA SER C 46 19.57 6.54 8.11
C SER C 46 18.49 7.64 8.00
N ALA C 47 17.70 7.85 9.05
CA ALA C 47 16.59 8.83 8.99
C ALA C 47 17.06 10.23 8.66
N SER C 48 18.24 10.61 9.15
CA SER C 48 18.75 11.96 8.86
C SER C 48 19.10 12.12 7.36
N GLN C 49 19.60 11.07 6.70
CA GLN C 49 19.73 11.12 5.23
C GLN C 49 18.39 11.33 4.55
N ARG C 50 17.35 10.65 5.05
CA ARG C 50 16.03 10.86 4.45
C ARG C 50 15.59 12.32 4.65
N ALA C 51 15.81 12.83 5.86
CA ALA C 51 15.38 14.19 6.22
C ALA C 51 15.93 15.22 5.23
N LYS C 52 17.22 15.09 4.91
CA LYS C 52 17.90 15.94 3.93
C LYS C 52 17.21 15.82 2.59
N LYS C 53 16.89 14.61 2.16
CA LYS C 53 16.32 14.42 0.84
C LYS C 53 14.91 15.01 0.72
N VAL C 54 14.18 15.17 1.82
CA VAL C 54 12.77 15.60 1.72
C VAL C 54 12.52 17.07 2.13
N THR C 55 13.60 17.78 2.49
CA THR C 55 13.53 19.17 2.94
C THR C 55 13.82 20.08 1.74
N PHE C 56 12.82 20.82 1.31
CA PHE C 56 13.03 21.70 0.18
C PHE C 56 11.93 22.71 0.16
N ASP C 57 12.08 23.70 -0.71
CA ASP C 57 11.17 24.81 -0.78
C ASP C 57 10.15 24.55 -1.84
N ARG C 58 8.88 24.58 -1.47
CA ARG C 58 7.82 24.38 -2.43
C ARG C 58 7.36 25.73 -2.91
N THR C 59 7.12 25.82 -4.19
CA THR C 59 6.40 26.93 -4.74
C THR C 59 5.38 26.25 -5.57
N GLN C 60 4.18 26.78 -5.54
CA GLN C 60 3.07 26.14 -6.14
C GLN C 60 2.39 27.19 -6.96
N VAL C 61 1.89 26.81 -8.12
CA VAL C 61 1.26 27.71 -9.01
C VAL C 61 0.12 26.97 -9.65
N LEU C 62 -1.09 27.38 -9.26
CA LEU C 62 -2.30 26.77 -9.73
C LEU C 62 -2.79 27.49 -10.96
N ASP C 63 -3.89 27.04 -11.53
CA ASP C 63 -4.37 27.62 -12.76
C ASP C 63 -5.79 27.20 -12.91
N ALA C 64 -6.38 27.57 -14.03
CA ALA C 64 -7.78 27.37 -14.23
C ALA C 64 -8.21 25.90 -14.41
N HIS C 65 -7.29 25.03 -14.83
CA HIS C 65 -7.65 23.62 -14.98
C HIS C 65 -7.87 23.06 -13.56
N TYR C 66 -6.91 23.35 -12.69
CA TYR C 66 -6.95 23.03 -11.30
C TYR C 66 -8.24 23.53 -10.68
N ASP C 67 -8.52 24.84 -10.83
CA ASP C 67 -9.67 25.48 -10.16
C ASP C 67 -10.94 24.79 -10.60
N SER C 68 -11.05 24.52 -11.89
CA SER C 68 -12.21 23.84 -12.42
C SER C 68 -12.40 22.36 -11.93
N VAL C 69 -11.30 21.63 -11.75
CA VAL C 69 -11.39 20.24 -11.26
C VAL C 69 -11.84 20.27 -9.80
N LEU C 70 -11.21 21.15 -9.03
CA LEU C 70 -11.49 21.32 -7.64
C LEU C 70 -12.94 21.71 -7.40
N LYS C 71 -13.53 22.53 -8.29
CA LYS C 71 -14.94 22.90 -8.15
C LYS C 71 -15.79 21.67 -8.31
N ASP C 72 -15.48 20.83 -9.30
CA ASP C 72 -16.29 19.63 -9.58
C ASP C 72 -16.25 18.60 -8.47
N ILE C 73 -15.11 18.56 -7.80
CA ILE C 73 -14.91 17.65 -6.73
C ILE C 73 -15.72 18.07 -5.50
N LYS C 74 -15.73 19.35 -5.20
CA LYS C 74 -16.54 19.87 -4.10
C LYS C 74 -18.01 19.58 -4.31
N LEU C 75 -18.48 19.81 -5.53
CA LEU C 75 -19.84 19.44 -5.87
C LEU C 75 -20.12 17.97 -5.55
N ALA C 76 -19.22 17.08 -5.98
CA ALA C 76 -19.40 15.65 -5.75
C ALA C 76 -19.39 15.30 -4.26
N ALA C 77 -18.56 16.01 -3.48
CA ALA C 77 -18.45 15.87 -2.05
C ALA C 77 -19.73 16.29 -1.33
N SER C 78 -20.39 17.31 -1.86
CA SER C 78 -21.62 17.84 -1.27
C SER C 78 -22.72 16.78 -1.29
N LYS C 79 -22.61 15.74 -2.09
CA LYS C 79 -23.58 14.63 -2.03
C LYS C 79 -23.37 13.61 -0.89
N VAL C 80 -22.37 13.84 -0.04
CA VAL C 80 -22.04 12.92 1.06
C VAL C 80 -22.59 13.50 2.35
N SER C 81 -23.23 12.64 3.15
CA SER C 81 -23.47 12.98 4.54
C SER C 81 -22.68 12.04 5.43
N ALA C 82 -21.97 12.63 6.37
CA ALA C 82 -21.10 11.88 7.23
C ALA C 82 -21.43 12.23 8.66
N ARG C 83 -21.16 11.32 9.59
CA ARG C 83 -21.48 11.56 10.98
C ARG C 83 -20.25 11.53 11.86
N LEU C 84 -20.39 12.10 13.04
CA LEU C 84 -19.44 11.85 14.09
C LEU C 84 -19.55 10.38 14.51
N LEU C 85 -18.40 9.79 14.81
CA LEU C 85 -18.35 8.55 15.55
C LEU C 85 -18.45 8.93 17.01
N THR C 86 -19.10 8.11 17.82
CA THR C 86 -18.98 8.30 19.27
C THR C 86 -17.57 8.13 19.68
N LEU C 87 -17.24 8.69 20.83
CA LEU C 87 -15.94 8.50 21.39
C LEU C 87 -15.60 7.00 21.50
N GLN C 88 -16.62 6.20 21.83
CA GLN C 88 -16.43 4.81 22.15
C GLN C 88 -16.15 4.02 20.89
N GLN C 89 -16.94 4.26 19.85
CA GLN C 89 -16.70 3.64 18.55
C GLN C 89 -15.30 3.95 18.04
N ALA C 90 -14.87 5.19 18.19
CA ALA C 90 -13.53 5.57 17.75
C ALA C 90 -12.46 4.83 18.52
N CYS C 91 -12.65 4.71 19.84
CA CYS C 91 -11.73 3.96 20.70
C CYS C 91 -11.55 2.53 20.20
N GLN C 92 -12.65 1.90 19.86
CA GLN C 92 -12.64 0.50 19.48
C GLN C 92 -12.13 0.25 18.07
N LEU C 93 -11.87 1.31 17.30
CA LEU C 93 -11.18 1.18 16.03
C LEU C 93 -9.69 1.31 16.20
N THR C 94 -9.23 1.61 17.40
CA THR C 94 -7.80 1.63 17.62
C THR C 94 -7.17 0.22 17.45
N PRO C 95 -6.11 0.07 16.63
CA PRO C 95 -5.44 -1.24 16.51
C PRO C 95 -4.84 -1.69 17.81
N PRO C 96 -4.79 -3.01 18.05
CA PRO C 96 -4.40 -3.52 19.37
C PRO C 96 -3.01 -3.17 19.83
N HIS C 97 -2.06 -2.92 18.93
CA HIS C 97 -0.74 -2.54 19.47
C HIS C 97 -0.34 -1.08 19.16
N SER C 98 -1.33 -0.25 18.83
CA SER C 98 -1.11 1.18 18.57
C SER C 98 -0.28 1.79 19.69
N ALA C 99 0.69 2.62 19.34
CA ALA C 99 1.58 3.22 20.32
C ALA C 99 0.83 3.98 21.43
N ARG C 100 1.27 3.72 22.66
CA ARG C 100 0.61 4.17 23.87
C ARG C 100 0.68 5.66 24.01
N SER C 101 -0.19 6.21 24.83
CA SER C 101 -0.20 7.62 25.12
C SER C 101 0.90 7.96 26.10
N LYS C 102 1.37 9.21 26.03
CA LYS C 102 2.29 9.76 27.04
C LYS C 102 1.56 9.92 28.38
N TYR C 103 0.23 9.95 28.35
CA TYR C 103 -0.55 10.16 29.56
C TYR C 103 -0.93 8.85 30.29
N GLY C 104 -0.03 7.88 30.29
CA GLY C 104 -0.16 6.69 31.13
C GLY C 104 -1.30 5.74 30.80
N PHE C 105 -1.57 5.55 29.51
CA PHE C 105 -2.42 4.45 29.08
C PHE C 105 -2.12 4.07 27.65
N GLY C 106 -2.62 2.91 27.23
CA GLY C 106 -2.25 2.33 25.95
C GLY C 106 -3.46 1.84 25.21
N ALA C 107 -3.19 1.16 24.11
CA ALA C 107 -4.24 0.70 23.22
C ALA C 107 -5.21 -0.23 23.90
N LYS C 108 -4.70 -1.12 24.76
CA LYS C 108 -5.55 -2.09 25.47
C LYS C 108 -6.67 -1.33 26.22
N GLU C 109 -6.26 -0.36 27.05
CA GLU C 109 -7.17 0.50 27.81
C GLU C 109 -8.18 1.22 26.91
N VAL C 110 -7.69 1.77 25.80
CA VAL C 110 -8.55 2.44 24.87
C VAL C 110 -9.58 1.50 24.33
N ARG C 111 -9.14 0.34 23.86
CA ARG C 111 -10.09 -0.60 23.27
C ARG C 111 -11.07 -1.19 24.31
N SER C 112 -10.64 -1.29 25.56
CA SER C 112 -11.55 -1.78 26.59
C SER C 112 -12.40 -0.65 27.20
N LEU C 113 -12.22 0.59 26.73
CA LEU C 113 -12.91 1.75 27.27
C LEU C 113 -12.71 1.90 28.78
N SER C 114 -11.47 1.86 29.23
CA SER C 114 -11.16 2.11 30.62
C SER C 114 -11.44 3.56 30.88
N GLY C 115 -11.70 3.89 32.14
CA GLY C 115 -12.23 5.19 32.47
C GLY C 115 -11.21 6.31 32.38
N ARG C 116 -10.01 6.03 32.85
CA ARG C 116 -8.92 6.96 32.75
C ARG C 116 -8.70 7.37 31.27
N ALA C 117 -8.78 6.39 30.37
CA ALA C 117 -8.51 6.63 28.97
C ALA C 117 -9.62 7.45 28.35
N VAL C 118 -10.85 6.97 28.50
CA VAL C 118 -12.03 7.67 28.01
C VAL C 118 -12.11 9.11 28.51
N ASN C 119 -11.69 9.30 29.73
CA ASN C 119 -11.72 10.58 30.36
C ASN C 119 -10.69 11.53 29.80
N HIS C 120 -9.50 11.04 29.55
CA HIS C 120 -8.49 11.85 28.90
C HIS C 120 -8.94 12.27 27.50
N ILE C 121 -9.46 11.32 26.77
CA ILE C 121 -9.87 11.58 25.39
C ILE C 121 -11.00 12.60 25.33
N LYS C 122 -11.88 12.57 26.32
CA LYS C 122 -12.91 13.60 26.45
C LYS C 122 -12.32 14.97 26.54
N SER C 123 -11.33 15.15 27.39
CA SER C 123 -10.71 16.46 27.49
C SER C 123 -9.97 16.84 26.17
N VAL C 124 -9.19 15.91 25.59
CA VAL C 124 -8.54 16.17 24.29
C VAL C 124 -9.54 16.72 23.30
N TRP C 125 -10.66 16.05 23.16
CA TRP C 125 -11.72 16.52 22.29
C TRP C 125 -12.31 17.89 22.68
N LYS C 126 -12.56 18.13 23.97
CA LYS C 126 -13.11 19.43 24.39
C LYS C 126 -12.14 20.52 23.98
N ASP C 127 -10.86 20.26 24.18
CA ASP C 127 -9.82 21.20 23.83
C ASP C 127 -9.73 21.47 22.31
N LEU C 128 -10.09 20.49 21.49
CA LEU C 128 -10.15 20.67 20.06
C LEU C 128 -11.28 21.60 19.71
N LEU C 129 -12.40 21.43 20.39
CA LEU C 129 -13.56 22.27 20.11
C LEU C 129 -13.35 23.70 20.60
N GLU C 130 -12.46 23.91 21.56
CA GLU C 130 -12.31 25.20 22.19
C GLU C 130 -11.12 25.99 21.70
N ASP C 131 -10.05 25.31 21.29
CA ASP C 131 -8.85 25.95 20.83
C ASP C 131 -8.63 25.55 19.38
N PRO C 132 -8.86 26.48 18.42
CA PRO C 132 -8.67 26.14 17.03
C PRO C 132 -7.28 26.46 16.49
N GLN C 133 -6.29 26.65 17.36
CA GLN C 133 -5.06 27.29 16.95
C GLN C 133 -3.75 26.71 17.50
N THR C 134 -3.68 26.34 18.77
CA THR C 134 -2.36 25.98 19.30
C THR C 134 -1.89 24.69 18.59
N PRO C 135 -0.70 24.74 17.96
CA PRO C 135 -0.21 23.54 17.28
C PRO C 135 -0.12 22.34 18.22
N ILE C 136 -0.48 21.18 17.71
CA ILE C 136 -0.42 19.95 18.49
C ILE C 136 0.94 19.28 18.26
N PRO C 137 1.68 18.98 19.33
CA PRO C 137 2.97 18.32 19.17
C PRO C 137 2.86 16.90 18.52
N THR C 138 3.92 16.49 17.82
CA THR C 138 3.97 15.20 17.15
C THR C 138 5.29 14.55 17.45
N THR C 139 5.31 13.23 17.31
CA THR C 139 6.55 12.47 17.42
C THR C 139 7.01 12.11 16.01
N ILE C 140 8.31 12.15 15.77
CA ILE C 140 8.85 11.76 14.47
C ILE C 140 9.65 10.50 14.66
N MET C 141 9.38 9.49 13.83
CA MET C 141 10.08 8.22 13.88
CA MET C 141 10.11 8.23 13.88
C MET C 141 10.49 7.75 12.49
N ALA C 142 11.51 6.91 12.43
CA ALA C 142 11.86 6.21 11.20
C ALA C 142 10.97 4.97 11.04
N LYS C 143 10.53 4.69 9.82
CA LYS C 143 9.89 3.41 9.52
C LYS C 143 10.96 2.37 9.30
N ASN C 144 10.82 1.22 9.94
CA ASN C 144 11.72 0.11 9.72
C ASN C 144 11.10 -0.83 8.73
N GLU C 145 11.69 -0.94 7.56
CA GLU C 145 11.20 -1.90 6.61
C GLU C 145 12.34 -2.53 5.84
N VAL C 146 12.02 -3.68 5.22
CA VAL C 146 13.05 -4.57 4.69
C VAL C 146 13.11 -4.53 3.17
N PHE C 147 14.33 -4.46 2.66
CA PHE C 147 14.57 -4.46 1.20
C PHE C 147 15.82 -5.30 0.87
N CYS C 148 16.04 -5.54 -0.41
CA CYS C 148 17.25 -6.17 -0.93
C CYS C 148 18.15 -5.03 -1.39
N VAL C 149 19.43 -5.05 -1.02
CA VAL C 149 20.34 -4.03 -1.48
C VAL C 149 20.32 -3.90 -2.99
N ASP C 150 20.42 -2.66 -3.48
CA ASP C 150 20.50 -2.40 -4.93
C ASP C 150 21.70 -1.48 -5.22
N PRO C 151 22.78 -2.04 -5.81
CA PRO C 151 23.99 -1.22 -6.00
C PRO C 151 23.74 -0.07 -7.01
N ALA C 152 22.98 -0.36 -8.05
CA ALA C 152 22.49 0.66 -8.98
C ALA C 152 21.89 1.90 -8.27
N LYS C 153 20.97 1.68 -7.32
CA LYS C 153 20.28 2.78 -6.64
C LYS C 153 20.97 3.20 -5.32
N GLY C 154 22.28 3.03 -5.25
CA GLY C 154 23.09 3.55 -4.14
C GLY C 154 23.11 2.71 -2.87
N GLY C 155 23.11 1.40 -3.00
CA GLY C 155 23.17 0.50 -1.85
C GLY C 155 21.84 0.36 -1.11
N LYS C 156 21.72 1.04 0.04
CA LYS C 156 20.56 0.91 0.94
C LYS C 156 19.70 2.18 1.01
N LYS C 157 18.39 2.02 0.85
CA LYS C 157 17.45 3.10 1.03
C LYS C 157 17.48 3.60 2.48
N PRO C 158 17.34 4.92 2.65
CA PRO C 158 17.16 5.49 3.98
C PRO C 158 15.73 5.28 4.46
N ALA C 159 15.52 5.21 5.77
CA ALA C 159 14.17 5.02 6.34
C ALA C 159 13.25 6.18 6.05
N ARG C 160 11.99 5.91 5.70
CA ARG C 160 11.04 7.00 5.59
C ARG C 160 10.66 7.57 6.99
N LEU C 161 10.10 8.76 6.98
CA LEU C 161 9.77 9.50 8.21
C LEU C 161 8.28 9.35 8.51
N ILE C 162 7.98 8.95 9.73
CA ILE C 162 6.61 8.82 10.19
C ILE C 162 6.36 9.87 11.27
N VAL C 163 5.28 10.62 11.13
CA VAL C 163 4.98 11.73 12.04
C VAL C 163 3.55 11.59 12.52
N TYR C 164 3.38 11.50 13.83
CA TYR C 164 2.06 11.22 14.39
C TYR C 164 1.85 11.89 15.76
N PRO C 165 0.60 12.22 16.07
CA PRO C 165 0.26 12.83 17.32
C PRO C 165 -0.04 11.75 18.36
N ASP C 166 -0.29 12.17 19.59
CA ASP C 166 -0.54 11.26 20.70
C ASP C 166 -1.76 10.39 20.48
N LEU C 167 -1.72 9.19 21.02
CA LEU C 167 -2.85 8.28 20.93
C LEU C 167 -4.23 8.95 21.19
N GLY C 168 -4.32 9.81 22.20
CA GLY C 168 -5.61 10.48 22.46
C GLY C 168 -6.12 11.31 21.30
N VAL C 169 -5.21 12.02 20.63
CA VAL C 169 -5.56 12.79 19.44
C VAL C 169 -5.97 11.87 18.28
N ARG C 170 -5.25 10.75 18.14
CA ARG C 170 -5.57 9.81 17.05
C ARG C 170 -7.00 9.32 17.19
N VAL C 171 -7.41 9.07 18.43
CA VAL C 171 -8.78 8.62 18.63
C VAL C 171 -9.75 9.75 18.24
N CYS C 172 -9.43 10.98 18.61
CA CYS C 172 -10.32 12.11 18.25
C CYS C 172 -10.44 12.30 16.73
N GLU C 173 -9.32 12.11 16.04
CA GLU C 173 -9.33 12.24 14.56
C GLU C 173 -10.37 11.34 14.03
N LYS C 174 -10.42 10.12 14.57
CA LYS C 174 -11.46 9.20 14.05
C LYS C 174 -12.86 9.68 14.36
N MET C 175 -13.08 10.23 15.53
CA MET C 175 -14.45 10.68 15.87
C MET C 175 -14.90 11.69 14.80
N ALA C 176 -14.00 12.63 14.51
CA ALA C 176 -14.23 13.70 13.52
C ALA C 176 -14.32 13.21 12.07
N LEU C 177 -13.43 12.27 11.70
CA LEU C 177 -13.17 12.00 10.26
C LEU C 177 -13.31 10.58 9.74
N TYR C 178 -13.49 9.60 10.63
CA TYR C 178 -13.49 8.23 10.17
C TYR C 178 -14.59 8.00 9.18
N ASP C 179 -15.79 8.53 9.42
CA ASP C 179 -16.90 8.23 8.51
C ASP C 179 -16.66 8.86 7.10
N ILE C 180 -16.02 10.02 7.08
CA ILE C 180 -15.60 10.64 5.81
C ILE C 180 -14.56 9.77 5.06
N THR C 181 -13.55 9.27 5.78
CA THR C 181 -12.59 8.33 5.16
C THR C 181 -13.30 7.17 4.50
N GLN C 182 -14.46 6.76 4.99
CA GLN C 182 -15.16 5.61 4.41
C GLN C 182 -16.03 5.93 3.24
N LYS C 183 -16.32 7.20 3.01
CA LYS C 183 -17.32 7.61 2.01
C LYS C 183 -16.84 8.61 0.93
N LEU C 184 -16.01 9.57 1.32
CA LEU C 184 -15.63 10.66 0.46
C LEU C 184 -14.87 10.21 -0.79
N PRO C 185 -13.74 9.48 -0.63
CA PRO C 185 -13.00 9.04 -1.82
C PRO C 185 -13.86 8.47 -2.93
N GLN C 186 -14.71 7.51 -2.59
CA GLN C 186 -15.55 6.85 -3.55
C GLN C 186 -16.52 7.86 -4.14
N ALA C 187 -16.95 8.81 -3.31
CA ALA C 187 -17.93 9.78 -3.76
C ALA C 187 -17.35 10.73 -4.81
N VAL C 188 -16.12 11.17 -4.64
CA VAL C 188 -15.53 12.12 -5.58
C VAL C 188 -14.80 11.51 -6.78
N MET C 189 -14.46 10.21 -6.73
CA MET C 189 -13.61 9.53 -7.73
C MET C 189 -14.31 8.39 -8.44
N GLY C 190 -15.32 7.81 -7.80
CA GLY C 190 -16.03 6.69 -8.40
C GLY C 190 -15.10 5.51 -8.65
N ALA C 191 -15.19 5.00 -9.87
CA ALA C 191 -14.38 3.88 -10.32
C ALA C 191 -12.89 4.17 -10.35
N SER C 192 -12.49 5.44 -10.26
CA SER C 192 -11.09 5.80 -10.28
C SER C 192 -10.43 5.53 -8.95
N TYR C 193 -11.22 5.37 -7.87
CA TYR C 193 -10.68 5.13 -6.53
C TYR C 193 -10.11 3.73 -6.50
N GLY C 194 -8.81 3.65 -6.25
CA GLY C 194 -8.07 2.41 -6.51
C GLY C 194 -8.20 1.36 -5.42
N PHE C 195 -8.36 1.79 -4.17
CA PHE C 195 -8.30 0.88 -3.05
C PHE C 195 -9.57 0.04 -2.88
N GLN C 196 -10.46 0.07 -3.85
CA GLN C 196 -11.70 -0.69 -3.80
C GLN C 196 -11.62 -2.01 -4.57
N TYR C 197 -10.47 -2.32 -5.16
CA TYR C 197 -10.40 -3.43 -6.11
C TYR C 197 -9.45 -4.50 -5.62
N SER C 198 -9.79 -5.76 -5.84
CA SER C 198 -8.83 -6.83 -5.63
C SER C 198 -7.91 -6.88 -6.84
N PRO C 199 -6.81 -7.64 -6.75
CA PRO C 199 -5.90 -7.77 -7.88
C PRO C 199 -6.60 -8.11 -9.18
N ALA C 200 -7.50 -9.09 -9.15
CA ALA C 200 -8.22 -9.48 -10.37
C ALA C 200 -9.15 -8.38 -10.85
N GLN C 201 -9.72 -7.62 -9.94
CA GLN C 201 -10.63 -6.54 -10.32
C GLN C 201 -9.85 -5.35 -10.89
N ARG C 202 -8.66 -5.05 -10.32
CA ARG C 202 -7.76 -4.04 -10.84
CA ARG C 202 -7.77 -4.04 -10.85
C ARG C 202 -7.44 -4.41 -12.29
N VAL C 203 -7.12 -5.68 -12.52
CA VAL C 203 -6.79 -6.17 -13.85
C VAL C 203 -7.94 -6.00 -14.85
N GLU C 204 -9.11 -6.48 -14.44
CA GLU C 204 -10.32 -6.35 -15.23
C GLU C 204 -10.62 -4.87 -15.60
N TYR C 205 -10.49 -3.97 -14.64
CA TYR C 205 -10.71 -2.55 -14.87
C TYR C 205 -9.72 -1.98 -15.90
N LEU C 206 -8.43 -2.27 -15.75
CA LEU C 206 -7.41 -1.79 -16.68
C LEU C 206 -7.66 -2.34 -18.08
N LEU C 207 -8.11 -3.59 -18.18
CA LEU C 207 -8.37 -4.19 -19.50
C LEU C 207 -9.57 -3.60 -20.18
N LYS C 208 -10.63 -3.35 -19.42
CA LYS C 208 -11.85 -2.74 -19.94
C LYS C 208 -11.48 -1.38 -20.50
N ALA C 209 -10.75 -0.61 -19.72
CA ALA C 209 -10.33 0.74 -20.07
C ALA C 209 -9.50 0.76 -21.36
N TRP C 210 -8.57 -0.18 -21.45
CA TRP C 210 -7.75 -0.37 -22.63
C TRP C 210 -8.59 -0.70 -23.86
N ALA C 211 -9.51 -1.63 -23.73
CA ALA C 211 -10.30 -2.09 -24.87
C ALA C 211 -11.31 -1.05 -25.32
N GLU C 212 -11.66 -0.12 -24.44
CA GLU C 212 -12.60 0.94 -24.76
C GLU C 212 -12.03 1.98 -25.73
N LYS C 213 -10.73 2.24 -25.64
CA LYS C 213 -10.10 3.23 -26.50
C LYS C 213 -9.94 2.68 -27.90
N LYS C 214 -10.11 3.54 -28.91
CA LYS C 214 -9.91 3.12 -30.30
C LYS C 214 -8.41 2.83 -30.51
N ASP C 215 -7.56 3.64 -29.89
CA ASP C 215 -6.12 3.51 -30.03
C ASP C 215 -5.45 3.90 -28.68
N PRO C 216 -5.33 2.94 -27.75
CA PRO C 216 -4.96 3.29 -26.38
C PRO C 216 -3.52 3.67 -26.18
N MET C 217 -3.30 4.54 -25.21
CA MET C 217 -2.01 4.84 -24.71
C MET C 217 -2.17 4.82 -23.22
N GLY C 218 -1.14 4.42 -22.49
CA GLY C 218 -1.19 4.43 -21.03
C GLY C 218 0.11 4.89 -20.44
N PHE C 219 0.06 5.48 -19.25
CA PHE C 219 1.23 5.78 -18.51
C PHE C 219 0.97 5.69 -17.01
N SER C 220 2.04 5.65 -16.23
CA SER C 220 1.92 5.73 -14.77
C SER C 220 2.66 6.95 -14.29
N TYR C 221 2.30 7.41 -13.10
CA TYR C 221 2.97 8.52 -12.45
C TYR C 221 3.04 8.27 -10.98
N ASP C 222 4.10 8.78 -10.38
CA ASP C 222 4.28 8.70 -8.95
C ASP C 222 5.10 9.91 -8.59
N THR C 223 4.75 10.56 -7.48
CA THR C 223 5.40 11.77 -7.05
C THR C 223 6.59 11.45 -6.17
N ARG C 224 7.67 12.19 -6.38
CA ARG C 224 8.83 12.06 -5.52
C ARG C 224 8.52 12.59 -4.11
N HIS C 225 8.61 11.73 -3.09
CA HIS C 225 8.43 12.15 -1.71
C HIS C 225 7.09 12.88 -1.49
N PHE C 226 5.99 12.26 -1.87
CA PHE C 226 4.72 12.97 -1.93
C PHE C 226 4.35 13.80 -0.69
N ASP C 227 4.61 13.26 0.49
CA ASP C 227 4.11 13.91 1.68
C ASP C 227 4.79 15.29 1.86
N SER C 228 6.09 15.36 1.60
CA SER C 228 6.88 16.58 1.70
C SER C 228 6.48 17.61 0.64
N THR C 229 5.80 17.18 -0.42
CA THR C 229 5.38 18.09 -1.48
C THR C 229 4.01 18.68 -1.27
N VAL C 230 3.24 18.10 -0.35
CA VAL C 230 1.92 18.62 -0.04
C VAL C 230 2.05 19.96 0.71
N THR C 231 1.37 20.97 0.24
CA THR C 231 1.50 22.31 0.86
C THR C 231 0.44 22.61 1.91
N GLU C 232 0.77 23.54 2.79
CA GLU C 232 -0.22 24.14 3.71
C GLU C 232 -1.52 24.38 3.01
N ARG C 233 -1.46 25.02 1.85
CA ARG C 233 -2.65 25.29 1.07
C ARG C 233 -3.38 24.05 0.53
N ASP C 234 -2.61 23.04 0.12
CA ASP C 234 -3.23 21.76 -0.24
C ASP C 234 -4.02 21.21 0.97
N ILE C 235 -3.44 21.28 2.15
CA ILE C 235 -4.07 20.70 3.35
C ILE C 235 -5.37 21.46 3.68
N ARG C 236 -5.33 22.80 3.60
CA ARG C 236 -6.53 23.62 3.83
C ARG C 236 -7.55 23.35 2.74
N THR C 237 -7.07 23.11 1.54
CA THR C 237 -7.98 22.71 0.47
C THR C 237 -8.59 21.34 0.73
N GLU C 238 -7.82 20.44 1.33
CA GLU C 238 -8.39 19.15 1.77
C GLU C 238 -9.57 19.43 2.76
N GLU C 239 -9.35 20.28 3.74
CA GLU C 239 -10.44 20.63 4.68
C GLU C 239 -11.68 21.11 3.96
N SER C 240 -11.51 22.01 2.99
CA SER C 240 -12.68 22.53 2.30
C SER C 240 -13.35 21.45 1.53
N ILE C 241 -12.61 20.45 1.09
CA ILE C 241 -13.30 19.32 0.44
C ILE C 241 -14.10 18.57 1.52
N TYR C 242 -13.50 18.35 2.69
CA TYR C 242 -14.20 17.65 3.78
C TYR C 242 -15.45 18.44 4.20
N GLN C 243 -15.28 19.76 4.38
CA GLN C 243 -16.40 20.66 4.78
C GLN C 243 -17.50 20.74 3.76
N ALA C 244 -17.26 20.33 2.52
CA ALA C 244 -18.34 20.37 1.53
C ALA C 244 -19.38 19.29 1.77
N CYS C 245 -19.01 18.27 2.53
CA CYS C 245 -19.93 17.21 2.87
C CYS C 245 -20.99 17.79 3.80
N SER C 246 -22.11 17.09 3.90
CA SER C 246 -23.10 17.38 4.93
C SER C 246 -22.64 16.81 6.29
N LEU C 247 -22.22 17.70 7.21
CA LEU C 247 -21.71 17.32 8.52
C LEU C 247 -22.42 18.07 9.67
N PRO C 248 -22.53 17.44 10.85
CA PRO C 248 -22.97 18.16 12.04
C PRO C 248 -21.95 19.18 12.45
N GLU C 249 -22.39 20.23 13.13
CA GLU C 249 -21.58 21.40 13.35
C GLU C 249 -20.37 21.10 14.20
N GLU C 250 -20.53 20.15 15.08
CA GLU C 250 -19.46 19.80 16.01
C GLU C 250 -18.27 19.11 15.26
N ALA C 251 -18.59 18.36 14.22
CA ALA C 251 -17.57 17.75 13.30
C ALA C 251 -16.82 18.83 12.52
N ARG C 252 -17.59 19.74 11.94
CA ARG C 252 -16.99 20.91 11.29
C ARG C 252 -15.95 21.56 12.15
N THR C 253 -16.30 21.81 13.41
CA THR C 253 -15.43 22.55 14.28
C THR C 253 -14.15 21.76 14.57
N ALA C 254 -14.32 20.46 14.80
CA ALA C 254 -13.16 19.61 15.13
C ALA C 254 -12.27 19.42 13.88
N ILE C 255 -12.89 19.30 12.73
CA ILE C 255 -12.15 19.15 11.45
C ILE C 255 -11.26 20.38 11.22
N HIS C 256 -11.87 21.55 11.39
CA HIS C 256 -11.14 22.82 11.22
C HIS C 256 -9.96 22.89 12.18
N SER C 257 -10.20 22.51 13.41
CA SER C 257 -9.16 22.62 14.44
C SER C 257 -8.03 21.58 14.23
N LEU C 258 -8.43 20.39 13.80
CA LEU C 258 -7.45 19.36 13.43
C LEU C 258 -6.61 19.90 12.27
N THR C 259 -7.28 20.40 11.24
CA THR C 259 -6.57 21.01 10.10
C THR C 259 -5.56 22.04 10.56
N GLU C 260 -6.01 23.05 11.33
CA GLU C 260 -5.09 24.16 11.69
C GLU C 260 -4.07 23.77 12.71
N ARG C 261 -4.43 22.88 13.61
CA ARG C 261 -3.47 22.56 14.69
C ARG C 261 -2.54 21.39 14.38
N LEU C 262 -2.99 20.50 13.49
CA LEU C 262 -2.24 19.24 13.23
C LEU C 262 -1.85 19.06 11.77
N TYR C 263 -2.84 19.04 10.90
CA TYR C 263 -2.63 18.61 9.53
C TYR C 263 -1.72 19.55 8.76
N VAL C 264 -1.96 20.87 8.85
CA VAL C 264 -1.16 21.86 8.10
C VAL C 264 0.24 21.98 8.58
N GLY C 265 0.52 21.56 9.80
CA GLY C 265 1.89 21.63 10.30
C GLY C 265 1.97 21.56 11.78
N GLY C 266 3.19 21.66 12.31
CA GLY C 266 3.44 21.70 13.73
C GLY C 266 4.82 21.22 14.11
N PRO C 267 5.17 21.36 15.40
CA PRO C 267 6.47 20.93 15.92
C PRO C 267 6.57 19.42 16.06
N MET C 268 7.79 18.90 15.94
CA MET C 268 8.06 17.50 15.92
C MET C 268 9.05 17.24 17.03
N PHE C 269 8.80 16.19 17.82
CA PHE C 269 9.74 15.77 18.86
C PHE C 269 10.24 14.38 18.56
N ASN C 270 11.50 14.10 18.88
CA ASN C 270 12.00 12.74 18.74
C ASN C 270 11.54 11.88 19.91
N SER C 271 11.92 10.61 19.90
CA SER C 271 11.42 9.69 20.91
C SER C 271 11.99 10.00 22.31
N LYS C 272 13.18 10.60 22.37
CA LYS C 272 13.76 11.01 23.65
C LYS C 272 13.10 12.30 24.19
N GLY C 273 12.13 12.88 23.47
CA GLY C 273 11.42 14.07 23.92
C GLY C 273 11.97 15.44 23.47
N GLN C 274 13.10 15.44 22.77
CA GLN C 274 13.71 16.68 22.29
C GLN C 274 13.00 17.29 21.10
N THR C 275 13.05 18.61 20.97
CA THR C 275 12.52 19.27 19.79
C THR C 275 13.38 18.87 18.60
N CYS C 276 12.72 18.45 17.52
CA CYS C 276 13.42 17.90 16.37
C CYS C 276 13.33 18.82 15.15
N GLY C 277 12.17 19.45 14.99
CA GLY C 277 11.96 20.32 13.86
C GLY C 277 10.52 20.76 13.75
N TYR C 278 10.21 21.41 12.64
CA TYR C 278 8.87 21.91 12.41
C TYR C 278 8.47 21.51 11.02
N ARG C 279 7.19 21.19 10.84
CA ARG C 279 6.68 20.59 9.63
C ARG C 279 5.66 21.50 9.00
N ARG C 280 5.69 21.60 7.68
CA ARG C 280 4.72 22.39 6.96
C ARG C 280 4.23 21.59 5.77
N CYS C 281 4.08 20.28 6.00
CA CYS C 281 3.58 19.35 4.99
C CYS C 281 2.85 18.17 5.63
N ARG C 282 2.39 17.25 4.78
CA ARG C 282 1.67 16.07 5.25
C ARG C 282 2.47 15.39 6.35
N ALA C 283 1.83 15.18 7.50
CA ALA C 283 2.33 14.22 8.48
C ALA C 283 1.78 12.81 8.09
N SER C 284 2.68 11.91 7.71
CA SER C 284 2.27 10.56 7.34
C SER C 284 2.18 9.77 8.65
N GLY C 285 0.97 9.41 9.03
CA GLY C 285 0.69 9.03 10.44
C GLY C 285 -0.63 9.58 10.98
N VAL C 286 -1.16 10.64 10.37
CA VAL C 286 -2.47 11.17 10.74
C VAL C 286 -3.52 10.40 9.99
N LEU C 287 -4.74 10.44 10.51
CA LEU C 287 -5.81 9.61 9.95
C LEU C 287 -6.09 9.90 8.50
N THR C 288 -5.84 11.16 8.11
CA THR C 288 -6.20 11.62 6.76
C THR C 288 -5.10 11.37 5.73
N THR C 289 -4.03 10.69 6.13
CA THR C 289 -2.92 10.41 5.24
C THR C 289 -3.38 9.81 3.93
N SER C 290 -4.12 8.70 3.97
CA SER C 290 -4.48 7.98 2.73
C SER C 290 -5.51 8.73 1.92
N MET C 291 -6.55 9.19 2.60
CA MET C 291 -7.65 9.89 1.94
C MET C 291 -7.10 11.17 1.27
N GLY C 292 -6.37 11.94 2.07
CA GLY C 292 -5.77 13.20 1.68
C GLY C 292 -4.85 13.01 0.48
N ASN C 293 -3.93 12.05 0.58
CA ASN C 293 -3.01 11.77 -0.51
C ASN C 293 -3.75 11.43 -1.73
N THR C 294 -4.74 10.57 -1.59
CA THR C 294 -5.43 10.08 -2.78
C THR C 294 -6.26 11.19 -3.46
N ILE C 295 -6.95 11.98 -2.66
CA ILE C 295 -7.79 13.07 -3.20
C ILE C 295 -6.90 14.20 -3.77
N THR C 296 -5.84 14.56 -3.08
CA THR C 296 -4.99 15.60 -3.58
C THR C 296 -4.25 15.14 -4.84
N CYS C 297 -3.76 13.91 -4.85
CA CYS C 297 -3.21 13.34 -6.08
C CYS C 297 -4.20 13.40 -7.22
N TYR C 298 -5.45 13.05 -6.97
CA TYR C 298 -6.45 13.01 -8.00
C TYR C 298 -6.83 14.39 -8.59
N VAL C 299 -6.84 15.42 -7.72
CA VAL C 299 -7.14 16.78 -8.12
C VAL C 299 -6.01 17.29 -9.05
N LYS C 300 -4.78 17.23 -8.56
CA LYS C 300 -3.62 17.62 -9.33
C LYS C 300 -3.53 16.88 -10.64
N ALA C 301 -3.78 15.57 -10.61
CA ALA C 301 -3.62 14.72 -11.78
C ALA C 301 -4.64 14.95 -12.83
N LEU C 302 -5.90 15.07 -12.43
CA LEU C 302 -6.95 15.34 -13.42
C LEU C 302 -6.79 16.77 -14.06
N ALA C 303 -6.33 17.70 -13.27
CA ALA C 303 -6.07 19.05 -13.73
C ALA C 303 -4.90 18.98 -14.71
N ALA C 304 -3.86 18.22 -14.35
CA ALA C 304 -2.72 18.04 -15.25
C ALA C 304 -3.09 17.36 -16.55
N CYS C 305 -4.05 16.43 -16.53
CA CYS C 305 -4.51 15.80 -17.75
C CYS C 305 -5.18 16.82 -18.68
N LYS C 306 -5.92 17.75 -18.08
CA LYS C 306 -6.58 18.82 -18.83
C LYS C 306 -5.54 19.80 -19.35
N ALA C 307 -4.60 20.21 -18.50
CA ALA C 307 -3.51 21.03 -18.94
C ALA C 307 -2.74 20.43 -20.12
N ALA C 308 -2.55 19.10 -20.13
CA ALA C 308 -1.73 18.45 -21.15
C ALA C 308 -2.50 18.03 -22.38
N GLY C 309 -3.82 18.12 -22.34
CA GLY C 309 -4.61 17.67 -23.48
C GLY C 309 -4.79 16.15 -23.59
N ILE C 310 -4.69 15.42 -22.47
CA ILE C 310 -4.97 13.99 -22.50
C ILE C 310 -6.42 13.76 -22.90
N VAL C 311 -6.66 12.92 -23.89
CA VAL C 311 -8.00 12.70 -24.43
C VAL C 311 -8.68 11.43 -23.90
N ALA C 312 -9.93 11.56 -23.46
CA ALA C 312 -10.70 10.49 -22.86
C ALA C 312 -9.90 9.71 -21.80
N PRO C 313 -9.41 10.41 -20.80
CA PRO C 313 -8.63 9.73 -19.78
C PRO C 313 -9.49 8.81 -18.88
N THR C 314 -9.05 7.59 -18.64
CA THR C 314 -9.58 6.75 -17.55
C THR C 314 -8.44 6.61 -16.53
N MET C 315 -8.70 6.98 -15.29
CA MET C 315 -7.68 7.02 -14.28
C MET C 315 -7.93 5.94 -13.26
N LEU C 316 -6.83 5.52 -12.63
CA LEU C 316 -6.89 4.72 -11.42
C LEU C 316 -5.88 5.29 -10.48
N VAL C 317 -6.33 5.69 -9.29
CA VAL C 317 -5.48 6.34 -8.29
C VAL C 317 -5.49 5.62 -6.94
N CYS C 318 -4.32 5.52 -6.35
CA CYS C 318 -4.11 4.92 -5.04
C CYS C 318 -3.03 5.77 -4.42
N GLY C 319 -3.34 6.54 -3.40
CA GLY C 319 -2.34 7.43 -2.85
C GLY C 319 -1.73 8.31 -3.96
N ASP C 320 -0.41 8.48 -3.98
CA ASP C 320 0.28 9.24 -5.05
C ASP C 320 0.57 8.40 -6.31
N ASP C 321 0.01 7.21 -6.44
CA ASP C 321 0.32 6.33 -7.55
C ASP C 321 -0.85 6.42 -8.46
N LEU C 322 -0.60 6.67 -9.75
CA LEU C 322 -1.69 6.68 -10.73
C LEU C 322 -1.38 6.08 -12.07
N ILE C 323 -2.42 5.58 -12.70
CA ILE C 323 -2.37 5.16 -14.06
C ILE C 323 -3.43 5.90 -14.82
N VAL C 324 -3.07 6.33 -16.03
CA VAL C 324 -4.02 6.92 -16.96
C VAL C 324 -3.98 6.20 -18.30
N ILE C 325 -5.13 5.73 -18.70
CA ILE C 325 -5.30 5.10 -19.99
CA ILE C 325 -5.33 5.09 -19.98
C ILE C 325 -6.20 6.04 -20.81
N SER C 326 -5.71 6.39 -22.01
CA SER C 326 -6.31 7.47 -22.81
C SER C 326 -6.24 7.16 -24.30
N GLU C 327 -6.80 8.07 -25.09
CA GLU C 327 -6.80 7.94 -26.54
C GLU C 327 -5.46 8.50 -27.00
N SER C 328 -4.66 7.65 -27.66
CA SER C 328 -3.42 8.12 -28.28
C SER C 328 -3.69 9.21 -29.32
N GLN C 329 -2.85 10.24 -29.34
CA GLN C 329 -2.86 11.26 -30.38
C GLN C 329 -1.63 11.08 -31.33
N GLY C 330 -1.12 9.85 -31.44
CA GLY C 330 0.12 9.59 -32.15
C GLY C 330 1.27 9.76 -31.20
N THR C 331 2.38 9.07 -31.46
CA THR C 331 3.44 9.03 -30.47
C THR C 331 4.14 10.35 -30.30
N GLU C 332 4.26 11.15 -31.36
CA GLU C 332 4.90 12.49 -31.16
C GLU C 332 4.07 13.34 -30.21
N GLU C 333 2.77 13.44 -30.47
CA GLU C 333 1.93 14.27 -29.60
C GLU C 333 1.87 13.63 -28.18
N ASP C 334 1.70 12.30 -28.15
CA ASP C 334 1.67 11.58 -26.82
C ASP C 334 2.85 12.00 -25.98
N GLU C 335 4.04 11.98 -26.58
CA GLU C 335 5.25 12.32 -25.82
C GLU C 335 5.21 13.75 -25.33
N ARG C 336 4.76 14.65 -26.19
CA ARG C 336 4.76 16.05 -25.77
C ARG C 336 3.64 16.26 -24.70
N ASN C 337 2.49 15.65 -24.89
CA ASN C 337 1.42 15.74 -23.87
C ASN C 337 1.87 15.28 -22.50
N LEU C 338 2.68 14.21 -22.45
CA LEU C 338 3.26 13.74 -21.18
C LEU C 338 4.24 14.67 -20.55
N ARG C 339 5.05 15.34 -21.35
CA ARG C 339 5.93 16.36 -20.80
C ARG C 339 5.07 17.50 -20.20
N ALA C 340 4.02 17.88 -20.91
CA ALA C 340 3.10 18.91 -20.43
C ALA C 340 2.41 18.45 -19.12
N PHE C 341 2.06 17.17 -19.06
CA PHE C 341 1.49 16.58 -17.84
C PHE C 341 2.41 16.78 -16.70
N THR C 342 3.67 16.39 -16.90
CA THR C 342 4.68 16.46 -15.83
C THR C 342 4.97 17.87 -15.38
N GLU C 343 4.98 18.79 -16.36
CA GLU C 343 5.25 20.20 -16.05
C GLU C 343 4.10 20.77 -15.22
N ALA C 344 2.86 20.48 -15.60
CA ALA C 344 1.70 20.92 -14.81
C ALA C 344 1.77 20.33 -13.38
N MET C 345 1.98 19.00 -13.30
CA MET C 345 2.06 18.39 -11.98
C MET C 345 3.13 19.07 -11.18
N THR C 346 4.24 19.38 -11.85
CA THR C 346 5.36 20.04 -11.16
C THR C 346 5.03 21.46 -10.64
N ARG C 347 4.26 22.21 -11.40
CA ARG C 347 3.75 23.53 -10.95
C ARG C 347 2.79 23.32 -9.79
N TYR C 348 2.00 22.24 -9.85
CA TYR C 348 1.08 21.94 -8.77
C TYR C 348 1.77 21.44 -7.52
N SER C 349 3.10 21.33 -7.54
CA SER C 349 3.88 20.81 -6.41
C SER C 349 3.70 19.26 -6.23
N ALA C 350 3.83 18.54 -7.34
CA ALA C 350 3.76 17.08 -7.36
C ALA C 350 4.82 16.61 -8.39
N PRO C 351 6.09 16.95 -8.18
CA PRO C 351 7.10 16.57 -9.15
C PRO C 351 7.30 15.05 -9.18
N PRO C 352 7.65 14.48 -10.34
CA PRO C 352 7.83 13.03 -10.55
C PRO C 352 9.08 12.48 -9.92
N GLY C 353 9.04 11.21 -9.50
CA GLY C 353 10.27 10.46 -9.20
C GLY C 353 11.02 10.22 -10.51
N ASP C 354 10.35 9.58 -11.45
CA ASP C 354 10.90 9.34 -12.79
C ASP C 354 9.95 9.97 -13.75
N PRO C 355 10.48 10.68 -14.75
CA PRO C 355 9.55 11.21 -15.75
C PRO C 355 8.73 10.07 -16.32
N PRO C 356 7.43 10.27 -16.48
CA PRO C 356 6.60 9.26 -17.10
C PRO C 356 6.83 9.18 -18.59
N ARG C 357 6.29 8.13 -19.18
CA ARG C 357 6.54 7.81 -20.55
C ARG C 357 5.32 7.12 -21.07
N PRO C 358 4.91 7.44 -22.30
CA PRO C 358 3.79 6.75 -22.92
C PRO C 358 4.08 5.30 -23.28
N GLU C 359 3.09 4.44 -23.12
CA GLU C 359 3.22 3.07 -23.49
C GLU C 359 2.00 2.64 -24.22
N TYR C 360 2.18 1.61 -25.02
CA TYR C 360 1.16 1.12 -25.88
C TYR C 360 0.97 -0.40 -25.70
N ASP C 361 1.41 -0.90 -24.56
CA ASP C 361 1.34 -2.33 -24.25
C ASP C 361 1.22 -2.35 -22.75
N LEU C 362 0.20 -3.03 -22.27
CA LEU C 362 -0.20 -2.90 -20.88
C LEU C 362 0.80 -3.52 -19.93
N GLU C 363 1.61 -4.46 -20.41
CA GLU C 363 2.58 -5.12 -19.52
C GLU C 363 3.63 -4.17 -19.05
N LEU C 364 3.90 -3.10 -19.83
CA LEU C 364 5.02 -2.23 -19.56
C LEU C 364 4.60 -1.10 -18.62
N ILE C 365 3.37 -1.12 -18.14
CA ILE C 365 2.98 -0.09 -17.18
C ILE C 365 3.00 -0.61 -15.74
N THR C 366 3.84 0.00 -14.93
CA THR C 366 3.96 -0.33 -13.50
C THR C 366 3.39 0.76 -12.60
N SER C 367 2.42 0.39 -11.76
CA SER C 367 1.95 1.25 -10.66
C SER C 367 1.69 0.43 -9.39
N CYS C 368 1.86 1.10 -8.24
CA CYS C 368 1.82 0.45 -6.92
C CYS C 368 2.70 -0.80 -6.91
N SER C 369 3.88 -0.69 -7.52
CA SER C 369 4.90 -1.76 -7.63
C SER C 369 4.43 -3.02 -8.36
N SER C 370 3.35 -2.92 -9.13
CA SER C 370 2.80 -4.05 -9.82
C SER C 370 2.42 -3.70 -11.25
N ASN C 371 2.22 -4.76 -12.05
CA ASN C 371 1.84 -4.61 -13.45
C ASN C 371 1.03 -5.81 -13.86
N VAL C 372 0.21 -5.62 -14.88
CA VAL C 372 -0.56 -6.67 -15.50
C VAL C 372 0.36 -7.46 -16.41
N SER C 373 0.19 -8.78 -16.40
CA SER C 373 0.86 -9.64 -17.33
C SER C 373 -0.11 -10.66 -17.85
N VAL C 374 0.38 -11.54 -18.71
CA VAL C 374 -0.48 -12.48 -19.41
C VAL C 374 0.18 -13.87 -19.50
N ALA C 375 -0.68 -14.88 -19.37
CA ALA C 375 -0.30 -16.26 -19.57
C ALA C 375 -1.47 -17.03 -20.21
N LEU C 376 -1.25 -18.31 -20.53
CA LEU C 376 -2.28 -19.16 -21.13
C LEU C 376 -3.00 -20.03 -20.07
N GLY C 377 -4.30 -20.25 -20.27
CA GLY C 377 -5.12 -20.98 -19.31
C GLY C 377 -5.17 -22.46 -19.71
N PRO C 378 -5.97 -23.27 -18.97
CA PRO C 378 -6.05 -24.70 -19.26
C PRO C 378 -6.54 -24.97 -20.69
N ARG C 379 -7.45 -24.14 -21.21
CA ARG C 379 -7.98 -24.32 -22.57
C ARG C 379 -7.24 -23.48 -23.63
N GLY C 380 -6.08 -22.91 -23.29
CA GLY C 380 -5.29 -22.14 -24.27
C GLY C 380 -5.70 -20.67 -24.45
N ARG C 381 -6.71 -20.22 -23.71
CA ARG C 381 -7.12 -18.84 -23.75
C ARG C 381 -6.09 -17.95 -22.99
N ARG C 382 -6.03 -16.67 -23.38
CA ARG C 382 -5.18 -15.67 -22.73
C ARG C 382 -5.80 -15.42 -21.38
N ARG C 383 -4.96 -15.39 -20.35
CA ARG C 383 -5.38 -15.05 -18.99
C ARG C 383 -4.49 -13.95 -18.42
N TYR C 384 -5.10 -12.86 -17.96
CA TYR C 384 -4.39 -11.70 -17.48
C TYR C 384 -4.44 -11.68 -15.98
N TYR C 385 -3.38 -11.18 -15.33
CA TYR C 385 -3.30 -11.22 -13.89
C TYR C 385 -2.29 -10.19 -13.45
N LEU C 386 -2.27 -9.91 -12.17
CA LEU C 386 -1.41 -8.93 -11.58
C LEU C 386 -0.15 -9.59 -11.04
N THR C 387 1.01 -9.00 -11.32
CA THR C 387 2.27 -9.53 -10.85
C THR C 387 3.15 -8.38 -10.43
N ARG C 388 4.37 -8.71 -10.01
CA ARG C 388 5.33 -7.69 -9.62
C ARG C 388 6.70 -8.28 -9.59
N ASP C 389 7.70 -7.41 -9.42
CA ASP C 389 9.07 -7.88 -9.26
C ASP C 389 9.09 -8.59 -7.92
N PRO C 390 9.61 -9.81 -7.86
CA PRO C 390 9.59 -10.57 -6.60
C PRO C 390 10.74 -10.30 -5.68
N THR C 391 11.63 -9.38 -6.07
CA THR C 391 12.79 -9.07 -5.28
C THR C 391 12.47 -8.72 -3.82
N THR C 392 11.65 -7.72 -3.63
CA THR C 392 11.27 -7.29 -2.30
C THR C 392 10.47 -8.35 -1.55
N PRO C 393 9.50 -8.99 -2.19
CA PRO C 393 8.87 -10.10 -1.48
C PRO C 393 9.84 -11.21 -1.03
N LEU C 394 10.85 -11.50 -1.85
CA LEU C 394 11.84 -12.50 -1.48
C LEU C 394 12.72 -12.06 -0.32
N ALA C 395 13.11 -10.81 -0.30
CA ALA C 395 13.88 -10.30 0.81
C ALA C 395 13.08 -10.34 2.09
N ARG C 396 11.81 -9.95 2.00
CA ARG C 396 10.98 -9.98 3.20
C ARG C 396 10.69 -11.42 3.62
N ALA C 397 10.71 -12.34 2.67
CA ALA C 397 10.59 -13.74 3.00
C ALA C 397 11.78 -14.28 3.80
N ALA C 398 12.86 -13.50 3.86
CA ALA C 398 14.05 -13.87 4.58
C ALA C 398 14.38 -12.98 5.75
N TRP C 399 13.42 -12.18 6.21
CA TRP C 399 13.69 -11.38 7.38
C TRP C 399 13.24 -12.22 8.57
N GLU C 400 14.19 -12.60 9.43
CA GLU C 400 14.00 -13.57 10.51
C GLU C 400 14.83 -13.12 11.65
N THR C 401 14.19 -12.74 12.74
CA THR C 401 14.91 -12.27 13.94
C THR C 401 14.27 -12.83 15.17
N VAL C 402 14.80 -12.50 16.34
CA VAL C 402 14.12 -12.93 17.58
C VAL C 402 12.66 -12.47 17.60
N ARG C 403 12.41 -11.23 17.22
CA ARG C 403 11.07 -10.65 17.31
C ARG C 403 10.18 -10.91 16.10
N HIS C 404 10.75 -11.31 14.95
CA HIS C 404 9.96 -11.39 13.70
C HIS C 404 10.10 -12.72 12.93
N SER C 405 8.95 -13.33 12.63
CA SER C 405 8.90 -14.48 11.77
C SER C 405 8.43 -14.04 10.39
N PRO C 406 9.05 -14.59 9.33
CA PRO C 406 8.66 -14.23 7.97
C PRO C 406 7.46 -14.99 7.39
N ILE C 407 6.97 -16.00 8.10
CA ILE C 407 5.94 -16.88 7.55
C ILE C 407 4.70 -16.13 7.10
N ASN C 408 4.33 -15.12 7.87
CA ASN C 408 3.15 -14.30 7.52
C ASN C 408 3.35 -13.53 6.20
N SER C 409 4.56 -13.06 5.96
CA SER C 409 4.93 -12.40 4.71
C SER C 409 4.77 -13.37 3.53
N TRP C 410 5.26 -14.59 3.69
CA TRP C 410 5.08 -15.60 2.68
C TRP C 410 3.59 -15.76 2.35
N LEU C 411 2.77 -15.86 3.38
CA LEU C 411 1.34 -16.10 3.19
C LEU C 411 0.69 -14.93 2.47
N GLY C 412 0.99 -13.71 2.88
CA GLY C 412 0.42 -12.52 2.24
C GLY C 412 0.69 -12.50 0.75
N ASN C 413 1.93 -12.79 0.37
CA ASN C 413 2.29 -12.83 -1.04
C ASN C 413 1.61 -13.97 -1.79
N ILE C 414 1.51 -15.13 -1.13
CA ILE C 414 0.87 -16.27 -1.78
C ILE C 414 -0.57 -15.91 -2.13
N ILE C 415 -1.23 -15.17 -1.27
CA ILE C 415 -2.64 -14.79 -1.48
C ILE C 415 -2.84 -13.68 -2.53
N GLN C 416 -2.13 -12.58 -2.41
CA GLN C 416 -2.20 -11.51 -3.40
C GLN C 416 -1.74 -11.93 -4.79
N TYR C 417 -0.72 -12.78 -4.86
CA TYR C 417 -0.03 -13.08 -6.13
C TYR C 417 -0.03 -14.54 -6.50
N ALA C 418 -1.07 -15.22 -6.02
CA ALA C 418 -1.26 -16.64 -6.28
C ALA C 418 -1.14 -17.06 -7.73
N PRO C 419 -1.60 -16.25 -8.67
CA PRO C 419 -1.41 -16.73 -10.05
C PRO C 419 0.01 -16.59 -10.64
N THR C 420 0.88 -15.86 -9.94
CA THR C 420 2.24 -15.61 -10.49
C THR C 420 3.10 -16.86 -10.49
N ILE C 421 4.05 -16.91 -11.41
CA ILE C 421 4.95 -18.03 -11.52
C ILE C 421 5.88 -18.12 -10.31
N TRP C 422 6.28 -16.97 -9.76
CA TRP C 422 7.12 -16.92 -8.60
C TRP C 422 6.42 -17.35 -7.31
N VAL C 423 5.15 -17.07 -7.18
CA VAL C 423 4.43 -17.61 -6.02
C VAL C 423 4.25 -19.11 -6.16
N ARG C 424 3.85 -19.53 -7.34
CA ARG C 424 3.45 -20.90 -7.51
C ARG C 424 4.64 -21.83 -7.36
N MET C 425 5.77 -21.44 -7.93
CA MET C 425 6.88 -22.34 -8.01
C MET C 425 7.76 -22.19 -6.78
N VAL C 426 7.88 -20.99 -6.26
CA VAL C 426 8.86 -20.73 -5.22
C VAL C 426 8.19 -20.60 -3.86
N LEU C 427 7.38 -19.57 -3.66
CA LEU C 427 6.88 -19.32 -2.31
C LEU C 427 5.89 -20.40 -1.82
N MET C 428 5.01 -20.89 -2.69
CA MET C 428 4.10 -21.97 -2.31
C MET C 428 4.88 -23.23 -1.88
N THR C 429 5.87 -23.60 -2.70
CA THR C 429 6.73 -24.75 -2.44
C THR C 429 7.42 -24.63 -1.10
N HIS C 430 7.95 -23.46 -0.80
CA HIS C 430 8.69 -23.27 0.43
C HIS C 430 7.80 -23.26 1.66
N PHE C 431 6.70 -22.51 1.56
CA PHE C 431 5.72 -22.35 2.62
C PHE C 431 5.20 -23.74 3.05
N PHE C 432 4.75 -24.51 2.08
CA PHE C 432 4.18 -25.80 2.38
C PHE C 432 5.21 -26.78 2.91
N SER C 433 6.39 -26.81 2.32
CA SER C 433 7.50 -27.60 2.84
C SER C 433 7.85 -27.27 4.30
N ILE C 434 7.98 -26.00 4.62
CA ILE C 434 8.30 -25.58 5.98
C ILE C 434 7.21 -26.01 6.98
N LEU C 435 5.95 -25.71 6.67
CA LEU C 435 4.86 -26.03 7.57
C LEU C 435 4.67 -27.55 7.74
N MET C 436 4.84 -28.32 6.68
CA MET C 436 4.73 -29.77 6.79
C MET C 436 5.77 -30.30 7.76
N VAL C 437 7.02 -29.88 7.57
CA VAL C 437 8.12 -30.38 8.38
C VAL C 437 7.94 -29.93 9.83
N GLN C 438 7.43 -28.73 10.05
CA GLN C 438 7.09 -28.27 11.38
C GLN C 438 5.84 -28.98 11.94
N ASP C 439 5.11 -29.72 11.10
CA ASP C 439 3.78 -30.22 11.43
C ASP C 439 2.84 -29.12 11.96
N THR C 440 2.76 -27.99 11.25
CA THR C 440 1.90 -26.87 11.65
C THR C 440 0.97 -26.46 10.51
N LEU C 441 0.71 -27.37 9.59
CA LEU C 441 -0.13 -27.10 8.45
C LEU C 441 -1.51 -26.55 8.81
N ASP C 442 -2.15 -27.14 9.82
CA ASP C 442 -3.50 -26.76 10.21
C ASP C 442 -3.54 -25.71 11.30
N GLN C 443 -2.43 -25.01 11.54
CA GLN C 443 -2.44 -23.90 12.45
C GLN C 443 -2.74 -22.60 11.67
N ASN C 444 -3.58 -21.74 12.25
CA ASN C 444 -3.94 -20.48 11.64
C ASN C 444 -2.83 -19.43 11.70
N LEU C 445 -2.77 -18.62 10.65
CA LEU C 445 -1.75 -17.57 10.53
C LEU C 445 -2.38 -16.22 10.28
N ASN C 446 -1.73 -15.14 10.70
CA ASN C 446 -2.20 -13.80 10.29
C ASN C 446 -1.66 -13.32 8.95
N PHE C 447 -2.51 -12.59 8.24
CA PHE C 447 -2.22 -12.09 6.90
C PHE C 447 -2.54 -10.59 6.95
N GLU C 448 -1.53 -9.76 6.70
CA GLU C 448 -1.66 -8.29 6.75
C GLU C 448 -2.01 -7.70 5.38
N MET C 449 -2.98 -6.79 5.33
CA MET C 449 -3.23 -6.00 4.11
C MET C 449 -3.96 -4.69 4.42
N TYR C 450 -3.48 -3.59 3.83
CA TYR C 450 -4.13 -2.27 3.95
C TYR C 450 -4.44 -1.93 5.41
N GLY C 451 -3.52 -2.28 6.31
CA GLY C 451 -3.65 -1.99 7.74
C GLY C 451 -4.55 -2.94 8.55
N SER C 452 -5.13 -3.93 7.90
CA SER C 452 -5.99 -4.92 8.57
C SER C 452 -5.37 -6.32 8.56
N VAL C 453 -5.63 -7.09 9.63
CA VAL C 453 -5.15 -8.47 9.76
C VAL C 453 -6.28 -9.47 9.57
N TYR C 454 -5.99 -10.55 8.86
CA TYR C 454 -6.96 -11.62 8.68
C TYR C 454 -6.32 -12.94 9.07
N SER C 455 -7.08 -13.76 9.77
CA SER C 455 -6.62 -15.07 10.17
C SER C 455 -6.98 -16.06 9.09
N VAL C 456 -6.01 -16.85 8.69
CA VAL C 456 -6.23 -17.79 7.61
C VAL C 456 -5.62 -19.14 7.96
N ASN C 457 -6.31 -20.20 7.58
CA ASN C 457 -5.74 -21.53 7.72
C ASN C 457 -5.10 -21.94 6.42
N PRO C 458 -3.81 -22.37 6.48
CA PRO C 458 -3.08 -22.80 5.28
C PRO C 458 -3.82 -23.79 4.45
N LEU C 459 -4.58 -24.66 5.11
CA LEU C 459 -5.30 -25.73 4.39
C LEU C 459 -6.52 -25.24 3.60
N ASP C 460 -6.97 -24.02 3.85
CA ASP C 460 -8.04 -23.42 3.06
C ASP C 460 -7.52 -22.63 1.83
N LEU C 461 -6.20 -22.67 1.55
CA LEU C 461 -5.67 -21.81 0.45
C LEU C 461 -6.31 -22.11 -0.90
N PRO C 462 -6.54 -23.39 -1.21
CA PRO C 462 -7.15 -23.63 -2.50
C PRO C 462 -8.51 -22.92 -2.67
N ALA C 463 -9.30 -22.83 -1.60
CA ALA C 463 -10.63 -22.27 -1.74
C ALA C 463 -10.52 -20.77 -1.86
N ILE C 464 -9.67 -20.22 -1.02
CA ILE C 464 -9.46 -18.79 -0.97
C ILE C 464 -8.95 -18.33 -2.36
N ILE C 465 -8.11 -19.14 -2.98
CA ILE C 465 -7.48 -18.75 -4.21
C ILE C 465 -8.47 -18.82 -5.36
N GLU C 466 -9.25 -19.89 -5.42
CA GLU C 466 -10.30 -20.00 -6.42
C GLU C 466 -11.20 -18.79 -6.32
N ARG C 467 -11.51 -18.40 -5.10
CA ARG C 467 -12.44 -17.33 -4.87
C ARG C 467 -11.88 -15.99 -5.32
N LEU C 468 -10.64 -15.72 -4.97
CA LEU C 468 -10.02 -14.45 -5.22
C LEU C 468 -9.54 -14.29 -6.66
N HIS C 469 -9.10 -15.39 -7.26
CA HIS C 469 -8.37 -15.37 -8.51
C HIS C 469 -8.94 -16.25 -9.58
N GLY C 470 -9.88 -17.12 -9.22
CA GLY C 470 -10.38 -18.08 -10.18
C GLY C 470 -9.58 -19.37 -10.27
N LEU C 471 -10.26 -20.38 -10.80
CA LEU C 471 -9.75 -21.73 -10.90
C LEU C 471 -8.57 -21.82 -11.83
N ASP C 472 -8.49 -20.87 -12.76
CA ASP C 472 -7.37 -20.81 -13.70
C ASP C 472 -6.03 -20.43 -13.04
N ALA C 473 -6.07 -19.81 -11.86
CA ALA C 473 -4.87 -19.61 -11.05
C ALA C 473 -4.08 -20.91 -10.78
N PHE C 474 -4.76 -22.06 -10.94
CA PHE C 474 -4.13 -23.35 -10.75
C PHE C 474 -3.67 -23.98 -12.03
N SER C 475 -3.85 -23.32 -13.17
CA SER C 475 -3.57 -23.94 -14.47
C SER C 475 -2.85 -23.07 -15.50
N MET C 476 -2.38 -21.90 -15.10
CA MET C 476 -1.67 -21.02 -16.01
C MET C 476 -0.39 -21.67 -16.47
N HIS C 477 -0.06 -21.49 -17.74
CA HIS C 477 1.23 -21.90 -18.28
C HIS C 477 1.67 -20.89 -19.37
N THR C 478 2.90 -20.99 -19.81
CA THR C 478 3.41 -20.15 -20.87
C THR C 478 3.36 -18.70 -20.42
N TYR C 479 4.13 -18.43 -19.38
CA TYR C 479 4.22 -17.09 -18.84
C TYR C 479 5.08 -16.26 -19.81
N SER C 480 5.08 -14.95 -19.65
CA SER C 480 5.69 -14.06 -20.64
C SER C 480 7.17 -13.95 -20.47
N HIS C 481 7.81 -13.51 -21.54
CA HIS C 481 9.25 -13.27 -21.52
C HIS C 481 9.66 -12.35 -20.41
N HIS C 482 8.92 -11.26 -20.22
CA HIS C 482 9.29 -10.33 -19.15
C HIS C 482 9.25 -11.00 -17.80
N GLU C 483 8.21 -11.78 -17.60
CA GLU C 483 8.00 -12.37 -16.29
C GLU C 483 9.03 -13.49 -16.04
N LEU C 484 9.28 -14.31 -17.05
CA LEU C 484 10.29 -15.35 -16.91
C LEU C 484 11.69 -14.79 -16.67
N THR C 485 12.04 -13.73 -17.41
CA THR C 485 13.33 -13.08 -17.25
C THR C 485 13.44 -12.45 -15.87
N ARG C 486 12.40 -11.76 -15.44
CA ARG C 486 12.47 -11.02 -14.19
C ARG C 486 12.56 -11.97 -12.99
N VAL C 487 11.82 -13.07 -13.05
CA VAL C 487 11.83 -14.04 -11.94
C VAL C 487 13.17 -14.76 -11.85
N ALA C 488 13.67 -15.26 -12.97
CA ALA C 488 15.00 -15.89 -12.99
C ALA C 488 16.06 -14.95 -12.45
N SER C 489 15.98 -13.71 -12.87
CA SER C 489 16.94 -12.75 -12.43
C SER C 489 16.84 -12.42 -10.94
N ALA C 490 15.64 -12.28 -10.41
CA ALA C 490 15.49 -12.00 -8.99
C ALA C 490 16.04 -13.21 -8.15
N LEU C 491 15.78 -14.40 -8.63
CA LEU C 491 16.27 -15.60 -7.94
C LEU C 491 17.79 -15.65 -7.90
N ARG C 492 18.45 -15.38 -9.04
CA ARG C 492 19.93 -15.32 -9.06
C ARG C 492 20.48 -14.26 -8.12
N LYS C 493 19.84 -13.11 -8.14
CA LYS C 493 20.25 -11.96 -7.35
C LYS C 493 20.20 -12.21 -5.83
N LEU C 494 19.25 -13.02 -5.39
CA LEU C 494 19.15 -13.36 -3.98
C LEU C 494 19.78 -14.71 -3.62
N GLY C 495 20.29 -15.40 -4.63
CA GLY C 495 21.02 -16.62 -4.43
C GLY C 495 20.06 -17.75 -4.05
N ALA C 496 18.90 -17.75 -4.70
CA ALA C 496 17.91 -18.73 -4.50
C ALA C 496 18.10 -19.79 -5.58
N PRO C 497 17.60 -21.01 -5.35
CA PRO C 497 17.64 -21.99 -6.41
C PRO C 497 16.87 -21.51 -7.62
N PRO C 498 17.26 -21.98 -8.82
CA PRO C 498 16.50 -21.65 -10.00
C PRO C 498 15.20 -22.44 -10.11
N LEU C 499 14.34 -21.97 -11.01
CA LEU C 499 13.02 -22.55 -11.16
C LEU C 499 13.02 -24.09 -11.33
N ARG C 500 13.96 -24.64 -12.06
CA ARG C 500 13.94 -26.11 -12.25
C ARG C 500 14.16 -26.88 -10.93
N VAL C 501 14.95 -26.31 -10.02
CA VAL C 501 15.10 -26.89 -8.69
C VAL C 501 13.80 -26.79 -7.91
N TRP C 502 13.14 -25.64 -7.97
CA TRP C 502 11.87 -25.50 -7.29
C TRP C 502 10.86 -26.51 -7.82
N LYS C 503 10.94 -26.80 -9.10
CA LYS C 503 10.03 -27.78 -9.68
C LYS C 503 10.25 -29.18 -9.04
N SER C 504 11.48 -29.64 -8.94
CA SER C 504 11.69 -30.95 -8.30
C SER C 504 11.36 -30.89 -6.82
N ARG C 505 11.64 -29.78 -6.13
CA ARG C 505 11.15 -29.69 -4.74
C ARG C 505 9.63 -29.77 -4.71
N ALA C 506 8.98 -29.12 -5.65
CA ALA C 506 7.52 -29.07 -5.60
C ALA C 506 6.88 -30.46 -5.77
N ARG C 507 7.43 -31.30 -6.64
CA ARG C 507 7.01 -32.69 -6.78
C ARG C 507 6.98 -33.43 -5.46
N ALA C 508 8.05 -33.25 -4.68
CA ALA C 508 8.17 -33.91 -3.39
C ALA C 508 7.19 -33.34 -2.38
N VAL C 509 7.04 -32.02 -2.36
CA VAL C 509 6.02 -31.40 -1.49
C VAL C 509 4.61 -31.86 -1.88
N ARG C 510 4.38 -31.99 -3.19
CA ARG C 510 3.09 -32.40 -3.69
C ARG C 510 2.78 -33.84 -3.19
N ALA C 511 3.66 -34.77 -3.52
CA ALA C 511 3.50 -36.18 -3.10
C ALA C 511 3.22 -36.29 -1.60
N SER C 512 4.02 -35.59 -0.82
CA SER C 512 3.87 -35.62 0.62
C SER C 512 2.53 -35.04 1.11
N LEU C 513 1.98 -34.03 0.44
CA LEU C 513 0.69 -33.48 0.87
C LEU C 513 -0.44 -34.46 0.56
N ILE C 514 -0.35 -35.04 -0.63
CA ILE C 514 -1.30 -36.02 -1.12
C ILE C 514 -1.39 -37.21 -0.15
N SER C 515 -0.24 -37.66 0.33
CA SER C 515 -0.19 -38.83 1.19
C SER C 515 -0.77 -38.54 2.57
N ARG C 516 -1.08 -37.30 2.89
CA ARG C 516 -1.74 -37.00 4.15
C ARG C 516 -3.26 -37.01 4.02
N GLY C 517 -3.80 -37.09 2.81
CA GLY C 517 -5.27 -37.02 2.61
C GLY C 517 -5.93 -35.74 3.11
N GLY C 518 -7.26 -35.71 3.11
CA GLY C 518 -8.00 -34.58 3.66
C GLY C 518 -7.73 -33.27 2.92
N LYS C 519 -7.82 -32.15 3.62
CA LYS C 519 -7.57 -30.85 3.01
C LYS C 519 -6.13 -30.75 2.45
N ALA C 520 -5.17 -31.36 3.13
CA ALA C 520 -3.77 -31.31 2.71
C ALA C 520 -3.64 -31.86 1.32
N ALA C 521 -4.29 -32.97 1.05
CA ALA C 521 -4.19 -33.58 -0.25
C ALA C 521 -4.83 -32.73 -1.35
N VAL C 522 -5.86 -31.98 -1.01
CA VAL C 522 -6.47 -31.04 -1.95
C VAL C 522 -5.44 -29.93 -2.30
N CYS C 523 -4.75 -29.40 -1.28
CA CYS C 523 -3.66 -28.44 -1.48
C CYS C 523 -2.68 -29.00 -2.45
N GLY C 524 -2.26 -30.24 -2.21
CA GLY C 524 -1.33 -30.91 -3.11
C GLY C 524 -1.79 -30.96 -4.54
N ARG C 525 -3.05 -31.30 -4.75
CA ARG C 525 -3.56 -31.49 -6.10
C ARG C 525 -3.80 -30.17 -6.83
N TYR C 526 -4.36 -29.18 -6.12
CA TYR C 526 -4.69 -27.89 -6.72
C TYR C 526 -3.46 -26.94 -6.85
N LEU C 527 -2.67 -26.82 -5.79
CA LEU C 527 -1.61 -25.84 -5.72
C LEU C 527 -0.39 -26.28 -6.49
N PHE C 528 -0.26 -27.58 -6.75
CA PHE C 528 0.93 -28.12 -7.37
C PHE C 528 0.69 -28.98 -8.60
N ASN C 529 -0.46 -28.79 -9.22
CA ASN C 529 -0.77 -29.44 -10.51
C ASN C 529 0.21 -29.04 -11.61
N TRP C 530 0.80 -27.85 -11.49
CA TRP C 530 1.82 -27.40 -12.46
C TRP C 530 3.07 -28.25 -12.38
N ALA C 531 3.25 -28.95 -11.26
CA ALA C 531 4.51 -29.62 -10.99
C ALA C 531 4.63 -31.02 -11.62
N VAL C 532 3.53 -31.56 -12.15
CA VAL C 532 3.52 -32.94 -12.69
C VAL C 532 3.14 -32.99 -14.16
N LYS C 533 3.68 -33.99 -14.87
CA LYS C 533 3.47 -34.16 -16.32
C LYS C 533 2.01 -34.51 -16.64
N THR C 534 1.53 -35.60 -16.05
CA THR C 534 0.14 -36.03 -16.22
C THR C 534 -0.78 -35.17 -15.35
N LYS C 535 -1.18 -34.04 -15.90
CA LYS C 535 -2.10 -33.11 -15.23
C LYS C 535 -3.39 -33.75 -14.77
N LEU C 536 -3.98 -33.21 -13.70
CA LEU C 536 -5.31 -33.63 -13.24
C LEU C 536 -6.35 -32.64 -13.71
N LYS C 537 -7.58 -33.14 -13.89
CA LYS C 537 -8.71 -32.24 -14.15
C LYS C 537 -9.12 -31.60 -12.83
N LEU C 538 -8.97 -30.28 -12.72
CA LEU C 538 -9.34 -29.60 -11.48
C LEU C 538 -10.74 -29.06 -11.63
N THR C 539 -11.61 -29.34 -10.67
CA THR C 539 -13.00 -28.89 -10.75
C THR C 539 -13.23 -27.82 -9.72
N PRO C 540 -14.24 -26.96 -9.94
CA PRO C 540 -14.53 -25.93 -8.96
C PRO C 540 -14.69 -26.56 -7.59
N LEU C 541 -14.22 -25.87 -6.57
CA LEU C 541 -14.25 -26.40 -5.21
C LEU C 541 -15.54 -25.94 -4.58
N PRO C 542 -16.31 -26.88 -4.00
CA PRO C 542 -17.53 -26.51 -3.28
C PRO C 542 -17.27 -25.45 -2.25
N GLU C 543 -16.24 -25.65 -1.42
CA GLU C 543 -15.96 -24.77 -0.28
C GLU C 543 -15.77 -23.31 -0.74
N ALA C 544 -15.37 -23.12 -2.00
CA ALA C 544 -15.14 -21.78 -2.56
C ALA C 544 -16.42 -20.96 -2.81
N ARG C 545 -17.49 -21.62 -3.25
CA ARG C 545 -18.79 -20.95 -3.43
C ARG C 545 -19.24 -20.35 -2.10
N LEU C 546 -19.02 -21.09 -1.02
CA LEU C 546 -19.43 -20.69 0.33
C LEU C 546 -18.62 -19.54 0.97
N LEU C 547 -17.82 -18.82 0.19
CA LEU C 547 -16.90 -17.83 0.74
C LEU C 547 -17.20 -16.41 0.30
N ASP C 548 -17.03 -15.46 1.22
CA ASP C 548 -17.11 -14.03 0.90
C ASP C 548 -15.84 -13.32 1.40
N LEU C 549 -15.07 -12.78 0.47
CA LEU C 549 -13.79 -12.14 0.79
C LEU C 549 -13.80 -10.63 0.50
N SER C 550 -15.00 -10.08 0.27
CA SER C 550 -15.16 -8.68 -0.20
C SER C 550 -14.51 -7.60 0.69
N SER C 551 -14.36 -7.85 2.00
CA SER C 551 -13.70 -6.87 2.88
C SER C 551 -12.16 -6.83 2.72
N TRP C 552 -11.58 -7.90 2.16
CA TRP C 552 -10.11 -8.02 2.09
C TRP C 552 -9.45 -6.90 1.27
N PHE C 553 -10.18 -6.40 0.26
CA PHE C 553 -9.62 -5.44 -0.70
C PHE C 553 -10.58 -4.27 -0.95
N THR C 554 -10.98 -3.60 0.13
CA THR C 554 -11.86 -2.42 0.05
C THR C 554 -11.57 -1.43 1.18
MN MN D . 3.76 5.99 -4.67
MN MN E . 5.83 8.70 -4.41
MN MN F . -12.11 25.45 8.65
CL CL G . -8.14 -21.21 -20.91
N1 UDP H . 2.78 6.49 2.92
C2 UDP H . 2.61 6.35 4.33
N3 UDP H . 3.21 5.33 4.97
C4 UDP H . 3.95 4.41 4.31
C5 UDP H . 4.13 4.52 2.92
C6 UDP H . 3.55 5.60 2.24
O2 UDP H . 1.91 7.17 4.97
O4 UDP H . 4.49 3.46 4.96
C1' UDP H . 2.17 7.65 2.27
C2' UDP H . 3.15 8.78 2.56
O2' UDP H . 2.41 9.98 2.83
C3' UDP H . 4.00 8.88 1.29
C4' UDP H . 2.99 8.53 0.23
O4' UDP H . 2.08 7.57 0.86
O3' UDP H . 4.64 10.17 1.08
C5' UDP H . 3.56 7.97 -1.07
O5' UDP H . 4.59 7.02 -0.81
PA UDP H . 5.56 6.47 -1.97
O1A UDP H . 5.08 6.77 -3.40
O2A UDP H . 5.68 5.00 -1.64
O3A UDP H . 6.96 7.15 -1.58
PB UDP H . 7.17 8.76 -1.42
O1B UDP H . 6.28 9.33 -2.50
O2B UDP H . 8.69 8.87 -1.56
O3B UDP H . 6.88 9.06 0.02
#